data_5E8T
#
_entry.id   5E8T
#
_cell.length_a   41.790
_cell.length_b   77.380
_cell.length_c   89.340
_cell.angle_alpha   90.000
_cell.angle_beta   90.000
_cell.angle_gamma   90.000
#
_symmetry.space_group_name_H-M   'P 21 21 21'
#
loop_
_entity.id
_entity.type
_entity.pdbx_description
1 polymer 'TGF-beta receptor type-1'
2 non-polymer GLYCEROL
3 water water
#
_entity_poly.entity_id   1
_entity_poly.type   'polypeptide(L)'
_entity_poly.pdbx_seq_one_letter_code
;GHMTIARDIVLQESIGKGRFGEVWRGKWRGEEVAVKIFSSREERSWFREAEIYQTVMLRHENILGFIAADNKDNGTWTQL
WLVSDYHEHGSLFDYLNRYTVTVEGMIKLALSTASGLAHLHMEIVGTQGKPAIAHRDLKSKNILVKKNGTCCIADLGLAV
RHDSATDTIDIAPNHRVGTKRYMAPEVLDDSINMKHFESFKRADIYAMGLVFWEIARRCSIGGIHEDYQLPYYDLVPSDP
SVEEMRKVVCEQKLRPNIPNRWQSCEALRVMAKIMRECWYANGAARLTALRIKKTLSQLSQQEGIKM
;
_entity_poly.pdbx_strand_id   A
#
loop_
_chem_comp.id
_chem_comp.type
_chem_comp.name
_chem_comp.formula
GOL non-polymer GLYCEROL 'C3 H8 O3'
#
# COMPACT_ATOMS: atom_id res chain seq x y z
N HIS A 2 26.25 9.56 -14.78
CA HIS A 2 25.18 10.47 -14.36
C HIS A 2 24.06 9.75 -13.60
N MET A 3 23.88 8.42 -13.84
CA MET A 3 22.83 7.65 -13.17
C MET A 3 23.22 7.44 -11.71
N THR A 4 22.22 7.29 -10.84
CA THR A 4 22.46 7.05 -9.41
C THR A 4 22.93 5.59 -9.21
N ILE A 5 24.09 5.41 -8.52
CA ILE A 5 24.63 4.07 -8.27
C ILE A 5 25.04 3.95 -6.81
N ALA A 6 25.06 2.72 -6.29
CA ALA A 6 25.33 2.46 -4.88
C ALA A 6 26.66 2.98 -4.40
N ARG A 7 27.70 2.90 -5.23
CA ARG A 7 29.02 3.34 -4.77
C ARG A 7 29.08 4.84 -4.41
N ASP A 8 28.14 5.64 -4.94
CA ASP A 8 28.05 7.07 -4.75
C ASP A 8 27.08 7.48 -3.63
N ILE A 9 26.57 6.49 -2.88
CA ILE A 9 25.61 6.75 -1.80
C ILE A 9 26.23 6.43 -0.45
N VAL A 10 26.01 7.32 0.52
CA VAL A 10 26.56 7.13 1.87
C VAL A 10 25.37 7.00 2.84
N LEU A 11 25.33 5.94 3.60
CA LEU A 11 24.24 5.71 4.55
C LEU A 11 24.45 6.61 5.73
N GLN A 12 23.33 7.15 6.27
CA GLN A 12 23.38 8.13 7.36
C GLN A 12 22.58 7.79 8.59
N GLU A 13 21.45 7.07 8.42
CA GLU A 13 20.53 6.86 9.51
C GLU A 13 19.64 5.65 9.25
N SER A 14 19.44 4.80 10.25
CA SER A 14 18.52 3.66 10.14
C SER A 14 17.09 4.22 10.21
N ILE A 15 16.22 3.86 9.24
CA ILE A 15 14.87 4.43 9.21
C ILE A 15 13.77 3.37 9.17
N GLY A 16 14.13 2.14 9.50
CA GLY A 16 13.14 1.07 9.57
C GLY A 16 13.47 -0.16 8.77
N LYS A 17 12.45 -0.99 8.51
CA LYS A 17 12.60 -2.24 7.81
C LYS A 17 11.30 -2.66 7.18
N GLY A 18 11.39 -3.46 6.13
CA GLY A 18 10.23 -4.03 5.45
C GLY A 18 10.09 -5.48 5.88
N ARG A 19 9.49 -6.31 5.02
CA ARG A 19 9.32 -7.75 5.27
C ARG A 19 10.71 -8.41 5.41
N PHE A 20 11.61 -8.10 4.45
CA PHE A 20 13.02 -8.50 4.43
C PHE A 20 13.76 -7.22 4.08
N GLY A 21 14.99 -7.08 4.50
CA GLY A 21 15.71 -5.87 4.16
C GLY A 21 15.47 -4.74 5.12
N GLU A 22 16.55 -4.03 5.45
CA GLU A 22 16.61 -2.94 6.41
C GLU A 22 16.69 -1.64 5.61
N VAL A 23 16.01 -0.60 6.08
CA VAL A 23 15.92 0.67 5.35
C VAL A 23 16.76 1.76 6.00
N TRP A 24 17.48 2.51 5.15
CA TRP A 24 18.35 3.59 5.62
C TRP A 24 18.13 4.85 4.82
N ARG A 25 18.40 6.01 5.45
CA ARG A 25 18.39 7.29 4.75
C ARG A 25 19.84 7.47 4.26
N GLY A 26 20.01 7.54 2.97
CA GLY A 26 21.33 7.72 2.39
C GLY A 26 21.42 9.06 1.71
N LYS A 27 22.64 9.45 1.30
CA LYS A 27 22.90 10.71 0.63
C LYS A 27 23.55 10.42 -0.68
N TRP A 28 23.03 11.01 -1.76
CA TRP A 28 23.59 10.84 -3.09
C TRP A 28 23.78 12.24 -3.65
N ARG A 29 25.05 12.67 -3.81
CA ARG A 29 25.37 14.02 -4.33
C ARG A 29 24.65 15.13 -3.54
N GLY A 30 24.58 14.93 -2.24
CA GLY A 30 23.98 15.88 -1.31
C GLY A 30 22.49 15.72 -1.09
N GLU A 31 21.82 14.83 -1.86
CA GLU A 31 20.36 14.60 -1.82
C GLU A 31 19.98 13.38 -0.98
N GLU A 32 18.87 13.44 -0.23
CA GLU A 32 18.47 12.24 0.53
C GLU A 32 17.80 11.26 -0.40
N VAL A 33 18.09 9.98 -0.20
CA VAL A 33 17.47 8.86 -0.94
C VAL A 33 17.19 7.77 0.12
N ALA A 34 16.23 6.90 -0.13
CA ALA A 34 15.92 5.80 0.79
C ALA A 34 16.58 4.58 0.21
N VAL A 35 17.25 3.82 1.05
CA VAL A 35 17.97 2.64 0.58
C VAL A 35 17.49 1.41 1.36
N LYS A 36 16.97 0.38 0.66
CA LYS A 36 16.59 -0.87 1.32
C LYS A 36 17.68 -1.87 1.05
N ILE A 37 18.23 -2.46 2.12
CA ILE A 37 19.38 -3.35 2.02
C ILE A 37 19.01 -4.77 2.31
N PHE A 38 19.40 -5.67 1.42
CA PHE A 38 19.17 -7.12 1.54
C PHE A 38 20.51 -7.85 1.60
N SER A 39 20.53 -9.01 2.28
CA SER A 39 21.72 -9.81 2.28
C SER A 39 21.71 -10.73 1.04
N SER A 40 22.87 -11.39 0.80
CA SER A 40 23.04 -12.30 -0.35
C SER A 40 22.01 -13.41 -0.36
N ARG A 41 21.60 -13.92 0.83
CA ARG A 41 20.62 -15.00 0.87
C ARG A 41 19.16 -14.53 0.63
N GLU A 42 18.94 -13.20 0.56
CA GLU A 42 17.61 -12.64 0.29
C GLU A 42 17.56 -12.17 -1.18
N GLU A 43 18.45 -12.71 -2.04
CA GLU A 43 18.50 -12.30 -3.44
C GLU A 43 17.15 -12.44 -4.14
N ARG A 44 16.40 -13.53 -3.88
CA ARG A 44 15.10 -13.68 -4.59
C ARG A 44 14.09 -12.56 -4.26
N SER A 45 14.05 -12.12 -2.98
CA SER A 45 13.16 -11.07 -2.52
CA SER A 45 13.15 -11.06 -2.55
C SER A 45 13.59 -9.74 -3.14
N TRP A 46 14.89 -9.46 -3.15
CA TRP A 46 15.43 -8.24 -3.73
C TRP A 46 15.18 -8.22 -5.23
N PHE A 47 15.46 -9.33 -5.91
CA PHE A 47 15.29 -9.36 -7.37
C PHE A 47 13.83 -9.14 -7.76
N ARG A 48 12.90 -9.82 -7.06
CA ARG A 48 11.46 -9.68 -7.38
C ARG A 48 11.01 -8.22 -7.19
N GLU A 49 11.45 -7.55 -6.12
CA GLU A 49 11.04 -6.16 -5.88
C GLU A 49 11.65 -5.23 -6.94
N ALA A 50 12.93 -5.47 -7.31
CA ALA A 50 13.58 -4.72 -8.42
C ALA A 50 12.80 -4.95 -9.73
N GLU A 51 12.40 -6.19 -9.98
CA GLU A 51 11.64 -6.55 -11.19
C GLU A 51 10.30 -5.79 -11.25
N ILE A 52 9.53 -5.78 -10.12
CA ILE A 52 8.25 -5.05 -10.11
C ILE A 52 8.46 -3.59 -10.34
N TYR A 53 9.45 -2.98 -9.63
CA TYR A 53 9.71 -1.55 -9.79
C TYR A 53 10.19 -1.15 -11.19
N GLN A 54 10.74 -2.09 -11.94
CA GLN A 54 11.24 -1.78 -13.28
C GLN A 54 10.17 -2.02 -14.34
N THR A 55 8.96 -2.39 -13.92
CA THR A 55 7.86 -2.62 -14.87
C THR A 55 7.72 -1.44 -15.82
N VAL A 56 7.59 -1.71 -17.13
CA VAL A 56 7.37 -0.61 -18.09
C VAL A 56 6.12 0.21 -17.70
N MET A 57 6.25 1.55 -17.83
CA MET A 57 5.18 2.54 -17.60
C MET A 57 4.62 2.51 -16.19
N LEU A 58 5.38 1.97 -15.21
CA LEU A 58 4.83 1.97 -13.85
C LEU A 58 4.83 3.35 -13.17
N ARG A 59 5.79 4.24 -13.49
CA ARG A 59 5.91 5.49 -12.71
C ARG A 59 4.64 6.31 -12.68
N HIS A 60 4.32 6.85 -11.49
CA HIS A 60 3.12 7.60 -11.29
C HIS A 60 3.32 8.38 -10.00
N GLU A 61 2.69 9.55 -9.91
CA GLU A 61 2.86 10.37 -8.70
C GLU A 61 2.44 9.68 -7.39
N ASN A 62 1.56 8.67 -7.47
CA ASN A 62 1.14 8.00 -6.24
C ASN A 62 1.71 6.58 -6.11
N ILE A 63 2.85 6.32 -6.79
CA ILE A 63 3.65 5.09 -6.68
C ILE A 63 5.04 5.53 -6.26
N LEU A 64 5.65 4.87 -5.26
CA LEU A 64 6.99 5.27 -4.81
C LEU A 64 7.96 5.29 -5.98
N GLY A 65 8.70 6.38 -6.09
CA GLY A 65 9.67 6.59 -7.17
C GLY A 65 10.88 5.69 -7.03
N PHE A 66 11.07 4.78 -7.96
CA PHE A 66 12.22 3.85 -7.94
C PHE A 66 13.43 4.54 -8.54
N ILE A 67 14.62 4.36 -7.93
CA ILE A 67 15.82 4.97 -8.50
C ILE A 67 16.72 3.89 -9.09
N ALA A 68 17.07 2.89 -8.27
CA ALA A 68 17.99 1.87 -8.76
C ALA A 68 18.00 0.60 -7.98
N ALA A 69 18.38 -0.49 -8.68
CA ALA A 69 18.71 -1.75 -8.02
C ALA A 69 20.22 -1.88 -8.25
N ASP A 70 20.99 -2.20 -7.20
CA ASP A 70 22.46 -2.29 -7.38
C ASP A 70 23.03 -3.25 -6.34
N ASN A 71 24.33 -3.53 -6.47
CA ASN A 71 25.05 -4.34 -5.49
C ASN A 71 26.12 -3.43 -4.92
N LYS A 72 26.53 -3.69 -3.67
CA LYS A 72 27.65 -2.98 -3.08
C LYS A 72 28.50 -4.01 -2.32
N ASP A 73 29.75 -4.19 -2.77
CA ASP A 73 30.67 -5.13 -2.10
C ASP A 73 31.57 -4.31 -1.21
N ASN A 74 31.54 -4.58 0.10
CA ASN A 74 32.35 -3.82 1.05
C ASN A 74 33.75 -4.38 1.25
N GLY A 75 34.05 -5.48 0.57
CA GLY A 75 35.33 -6.17 0.69
C GLY A 75 35.25 -7.48 1.45
N THR A 76 34.15 -7.70 2.21
CA THR A 76 33.89 -8.94 2.95
C THR A 76 32.62 -9.61 2.44
N TRP A 77 31.54 -8.84 2.29
CA TRP A 77 30.29 -9.38 1.78
C TRP A 77 29.62 -8.40 0.83
N THR A 78 28.63 -8.91 0.09
CA THR A 78 27.89 -8.07 -0.84
C THR A 78 26.51 -7.76 -0.27
N GLN A 79 26.09 -6.48 -0.37
CA GLN A 79 24.77 -6.04 0.01
C GLN A 79 24.02 -5.83 -1.32
N LEU A 80 22.73 -6.11 -1.31
CA LEU A 80 21.86 -5.91 -2.47
C LEU A 80 20.96 -4.76 -2.14
N TRP A 81 21.02 -3.72 -2.97
CA TRP A 81 20.37 -2.46 -2.67
C TRP A 81 19.18 -2.16 -3.55
N LEU A 82 18.15 -1.54 -2.96
CA LEU A 82 17.02 -0.98 -3.72
C LEU A 82 16.94 0.46 -3.26
N VAL A 83 17.15 1.40 -4.17
CA VAL A 83 17.19 2.83 -3.88
C VAL A 83 15.93 3.49 -4.43
N SER A 84 15.29 4.31 -3.60
CA SER A 84 14.03 4.97 -4.01
C SER A 84 14.02 6.38 -3.47
N ASP A 85 13.03 7.16 -3.89
CA ASP A 85 12.83 8.50 -3.36
C ASP A 85 12.70 8.44 -1.84
N TYR A 86 13.20 9.47 -1.16
CA TYR A 86 13.09 9.56 0.29
C TYR A 86 11.94 10.53 0.66
N HIS A 87 11.04 10.10 1.52
CA HIS A 87 9.91 10.96 2.00
C HIS A 87 10.04 11.09 3.52
N GLU A 88 10.37 12.30 3.95
CA GLU A 88 10.62 12.63 5.36
C GLU A 88 9.52 12.25 6.33
N HIS A 89 8.26 12.34 5.91
CA HIS A 89 7.12 11.98 6.77
C HIS A 89 7.06 10.49 7.06
N GLY A 90 7.68 9.68 6.19
CA GLY A 90 7.66 8.24 6.33
C GLY A 90 6.30 7.68 5.97
N SER A 91 5.87 6.58 6.65
CA SER A 91 4.59 5.96 6.27
C SER A 91 3.34 6.73 6.68
N LEU A 92 2.22 6.36 6.05
CA LEU A 92 0.89 6.87 6.42
C LEU A 92 0.60 6.47 7.87
N PHE A 93 1.06 5.26 8.28
CA PHE A 93 0.93 4.82 9.67
C PHE A 93 1.62 5.84 10.61
N ASP A 94 2.90 6.16 10.33
CA ASP A 94 3.64 7.14 11.13
C ASP A 94 2.91 8.48 11.16
N TYR A 95 2.51 8.97 9.97
CA TYR A 95 1.86 10.27 9.78
C TYR A 95 0.55 10.38 10.59
N LEU A 96 -0.29 9.34 10.51
CA LEU A 96 -1.57 9.31 11.23
C LEU A 96 -1.39 9.21 12.73
N ASN A 97 -0.30 8.60 13.21
CA ASN A 97 -0.05 8.55 14.65
C ASN A 97 0.36 9.94 15.14
N ARG A 98 1.16 10.63 14.34
CA ARG A 98 1.66 11.97 14.70
C ARG A 98 0.65 13.11 14.61
N TYR A 99 -0.18 13.09 13.58
CA TYR A 99 -1.03 14.22 13.29
C TYR A 99 -2.46 13.87 13.12
N THR A 100 -3.31 14.91 13.13
CA THR A 100 -4.71 14.85 12.75
C THR A 100 -4.70 15.59 11.43
N VAL A 101 -5.71 15.34 10.61
CA VAL A 101 -5.86 15.95 9.30
C VAL A 101 -7.16 16.73 9.22
N THR A 102 -7.20 17.67 8.29
CA THR A 102 -8.40 18.44 8.02
C THR A 102 -9.25 17.60 7.04
N VAL A 103 -10.48 18.06 6.72
CA VAL A 103 -11.30 17.40 5.71
C VAL A 103 -10.51 17.33 4.39
N GLU A 104 -9.91 18.48 3.99
CA GLU A 104 -9.09 18.59 2.79
C GLU A 104 -7.91 17.59 2.84
N GLY A 105 -7.21 17.53 3.98
CA GLY A 105 -6.08 16.62 4.24
C GLY A 105 -6.48 15.18 4.05
N MET A 106 -7.62 14.79 4.63
CA MET A 106 -8.17 13.42 4.49
C MET A 106 -8.44 13.06 3.03
N ILE A 107 -9.13 13.96 2.30
CA ILE A 107 -9.49 13.69 0.90
C ILE A 107 -8.22 13.57 0.07
N LYS A 108 -7.22 14.42 0.32
CA LYS A 108 -5.94 14.35 -0.41
C LYS A 108 -5.30 12.99 -0.20
N LEU A 109 -5.25 12.52 1.06
CA LEU A 109 -4.65 11.20 1.36
C LEU A 109 -5.42 10.05 0.71
N ALA A 110 -6.75 10.09 0.82
CA ALA A 110 -7.57 8.99 0.29
C ALA A 110 -7.56 8.98 -1.24
N LEU A 111 -7.73 10.16 -1.85
CA LEU A 111 -7.73 10.26 -3.30
C LEU A 111 -6.38 9.83 -3.89
N SER A 112 -5.25 10.30 -3.32
CA SER A 112 -3.94 9.92 -3.85
C SER A 112 -3.69 8.41 -3.71
N THR A 113 -4.14 7.80 -2.58
CA THR A 113 -4.01 6.35 -2.40
C THR A 113 -4.82 5.61 -3.47
N ALA A 114 -6.11 6.01 -3.67
CA ALA A 114 -6.99 5.39 -4.69
C ALA A 114 -6.41 5.57 -6.11
N SER A 115 -5.82 6.74 -6.39
CA SER A 115 -5.20 7.01 -7.70
CA SER A 115 -5.19 7.03 -7.69
C SER A 115 -4.01 6.09 -7.96
N GLY A 116 -3.14 5.90 -6.95
CA GLY A 116 -2.00 4.99 -7.07
C GLY A 116 -2.47 3.56 -7.28
N LEU A 117 -3.49 3.14 -6.51
CA LEU A 117 -3.99 1.78 -6.68
C LEU A 117 -4.67 1.55 -8.05
N ALA A 118 -5.47 2.52 -8.52
CA ALA A 118 -6.11 2.43 -9.82
C ALA A 118 -5.02 2.34 -10.90
N HIS A 119 -3.93 3.13 -10.76
CA HIS A 119 -2.81 3.02 -11.71
C HIS A 119 -2.15 1.62 -11.66
N LEU A 120 -1.87 1.10 -10.46
CA LEU A 120 -1.28 -0.23 -10.32
C LEU A 120 -2.19 -1.26 -11.01
N HIS A 121 -3.50 -1.23 -10.68
CA HIS A 121 -4.50 -2.17 -11.20
C HIS A 121 -4.76 -2.13 -12.70
N MET A 122 -4.59 -0.97 -13.32
CA MET A 122 -4.92 -0.71 -14.73
C MET A 122 -3.89 -1.21 -15.72
N GLU A 123 -4.36 -1.94 -16.74
CA GLU A 123 -3.45 -2.35 -17.80
C GLU A 123 -3.41 -1.17 -18.76
N ILE A 124 -2.22 -0.85 -19.30
CA ILE A 124 -2.06 0.21 -20.30
C ILE A 124 -1.68 -0.57 -21.54
N VAL A 125 -2.57 -0.59 -22.56
CA VAL A 125 -2.26 -1.38 -23.75
C VAL A 125 -1.43 -0.49 -24.70
N GLY A 126 -0.59 -1.10 -25.52
CA GLY A 126 0.26 -0.39 -26.46
C GLY A 126 1.66 -0.96 -26.54
N THR A 127 2.55 -0.35 -27.36
CA THR A 127 3.94 -0.87 -27.53
C THR A 127 4.75 -0.80 -26.23
N GLN A 128 4.60 0.26 -25.43
CA GLN A 128 5.26 0.32 -24.13
C GLN A 128 4.12 0.07 -23.15
N GLY A 129 3.59 -1.14 -23.18
CA GLY A 129 2.43 -1.51 -22.38
C GLY A 129 2.74 -1.78 -20.93
N LYS A 130 1.79 -1.47 -20.05
CA LYS A 130 1.97 -1.73 -18.61
C LYS A 130 1.02 -2.86 -18.24
N PRO A 131 1.49 -3.96 -17.60
CA PRO A 131 0.58 -5.00 -17.16
C PRO A 131 -0.22 -4.51 -15.96
N ALA A 132 -1.38 -5.10 -15.75
CA ALA A 132 -2.16 -4.84 -14.52
C ALA A 132 -1.35 -5.48 -13.40
N ILE A 133 -1.31 -4.82 -12.22
CA ILE A 133 -0.54 -5.31 -11.08
C ILE A 133 -1.42 -5.26 -9.83
N ALA A 134 -1.38 -6.32 -9.00
CA ALA A 134 -2.09 -6.32 -7.70
C ALA A 134 -1.00 -6.30 -6.65
N HIS A 135 -1.20 -5.51 -5.61
CA HIS A 135 -0.18 -5.32 -4.56
C HIS A 135 0.04 -6.51 -3.62
N ARG A 136 -1.06 -7.05 -3.03
CA ARG A 136 -1.09 -8.19 -2.10
C ARG A 136 -0.65 -7.86 -0.66
N ASP A 137 -0.20 -6.63 -0.40
CA ASP A 137 0.19 -6.27 0.96
C ASP A 137 -0.06 -4.78 1.27
N LEU A 138 -1.21 -4.28 0.81
CA LEU A 138 -1.56 -2.88 1.05
C LEU A 138 -1.94 -2.67 2.52
N LYS A 139 -1.33 -1.62 3.12
CA LYS A 139 -1.56 -1.26 4.53
C LYS A 139 -0.98 0.11 4.75
N SER A 140 -1.35 0.75 5.86
CA SER A 140 -0.89 2.09 6.14
C SER A 140 0.63 2.15 6.32
N LYS A 141 1.27 1.06 6.77
CA LYS A 141 2.73 1.03 6.89
C LYS A 141 3.44 0.92 5.54
N ASN A 142 2.69 0.60 4.45
CA ASN A 142 3.25 0.42 3.10
C ASN A 142 2.86 1.56 2.15
N ILE A 143 2.42 2.67 2.72
CA ILE A 143 2.04 3.84 1.94
C ILE A 143 2.85 4.94 2.57
N LEU A 144 3.46 5.80 1.76
CA LEU A 144 4.29 6.89 2.30
C LEU A 144 3.57 8.21 2.06
N VAL A 145 3.87 9.22 2.86
CA VAL A 145 3.25 10.54 2.71
C VAL A 145 4.30 11.53 2.25
N LYS A 146 4.03 12.19 1.15
CA LYS A 146 4.95 13.18 0.57
C LYS A 146 4.82 14.51 1.29
N LYS A 147 5.81 15.41 1.06
CA LYS A 147 5.80 16.76 1.64
C LYS A 147 4.52 17.52 1.23
N ASN A 148 3.98 17.28 0.01
CA ASN A 148 2.75 17.97 -0.45
C ASN A 148 1.44 17.39 0.12
N GLY A 149 1.55 16.47 1.06
CA GLY A 149 0.38 15.86 1.72
C GLY A 149 -0.40 14.83 0.92
N THR A 150 0.22 14.29 -0.16
CA THR A 150 -0.37 13.22 -0.95
C THR A 150 0.42 11.94 -0.65
N CYS A 151 -0.18 10.79 -0.94
CA CYS A 151 0.41 9.49 -0.64
C CYS A 151 1.08 8.89 -1.87
N CYS A 152 2.02 7.97 -1.64
CA CYS A 152 2.48 7.09 -2.72
C CYS A 152 2.56 5.68 -2.18
N ILE A 153 2.13 4.71 -2.98
CA ILE A 153 2.17 3.30 -2.57
C ILE A 153 3.58 2.76 -2.69
N ALA A 154 4.01 2.01 -1.66
CA ALA A 154 5.34 1.44 -1.64
C ALA A 154 5.32 -0.05 -1.33
N ASP A 155 6.50 -0.66 -1.09
CA ASP A 155 6.66 -2.07 -0.70
C ASP A 155 5.96 -3.00 -1.69
N LEU A 156 6.38 -2.91 -2.96
CA LEU A 156 5.77 -3.70 -4.04
C LEU A 156 6.32 -5.09 -4.22
N GLY A 157 7.17 -5.55 -3.29
CA GLY A 157 7.82 -6.85 -3.38
C GLY A 157 6.94 -8.08 -3.51
N LEU A 158 5.70 -8.01 -2.99
CA LEU A 158 4.78 -9.15 -3.05
C LEU A 158 3.81 -9.06 -4.23
N ALA A 159 3.93 -8.00 -5.03
CA ALA A 159 3.00 -7.82 -6.15
C ALA A 159 3.00 -8.97 -7.17
N VAL A 160 1.88 -9.07 -7.91
CA VAL A 160 1.70 -10.02 -9.01
C VAL A 160 1.30 -9.25 -10.24
N ARG A 161 1.85 -9.64 -11.39
CA ARG A 161 1.54 -8.97 -12.66
C ARG A 161 0.73 -9.86 -13.57
N HIS A 162 -0.21 -9.27 -14.30
CA HIS A 162 -1.14 -10.01 -15.16
C HIS A 162 -0.79 -9.93 -16.63
N ASP A 163 -0.97 -11.05 -17.35
CA ASP A 163 -0.87 -11.09 -18.81
C ASP A 163 -2.31 -11.25 -19.29
N SER A 164 -2.94 -10.18 -19.79
CA SER A 164 -4.35 -10.19 -20.17
C SER A 164 -4.72 -11.15 -21.29
N ALA A 165 -3.87 -11.28 -22.31
CA ALA A 165 -4.17 -12.14 -23.46
C ALA A 165 -4.38 -13.62 -23.09
N THR A 166 -3.65 -14.12 -22.06
CA THR A 166 -3.77 -15.50 -21.57
C THR A 166 -4.57 -15.61 -20.25
N ASP A 167 -4.63 -14.53 -19.47
CA ASP A 167 -5.24 -14.48 -18.14
C ASP A 167 -4.41 -15.33 -17.19
N THR A 168 -3.09 -15.10 -17.22
CA THR A 168 -2.13 -15.78 -16.36
C THR A 168 -1.32 -14.72 -15.59
N ILE A 169 -0.81 -15.14 -14.44
CA ILE A 169 -0.04 -14.31 -13.50
C ILE A 169 1.43 -14.70 -13.66
N ASP A 170 2.36 -13.71 -13.58
CA ASP A 170 3.78 -13.95 -13.83
C ASP A 170 4.49 -14.84 -12.80
N ILE A 171 3.91 -15.06 -11.62
CA ILE A 171 4.51 -15.97 -10.64
C ILE A 171 3.45 -16.99 -10.18
N ALA A 172 3.86 -17.97 -9.37
CA ALA A 172 2.96 -18.98 -8.79
C ALA A 172 2.74 -18.48 -7.37
N PRO A 173 1.67 -17.69 -7.13
CA PRO A 173 1.49 -17.09 -5.81
C PRO A 173 1.21 -18.11 -4.71
N ASN A 174 1.80 -17.86 -3.53
CA ASN A 174 1.60 -18.67 -2.33
C ASN A 174 0.41 -18.10 -1.56
N HIS A 175 -0.22 -18.89 -0.71
CA HIS A 175 -1.36 -18.40 0.05
C HIS A 175 -0.90 -17.58 1.23
N ARG A 176 -1.70 -16.59 1.60
CA ARG A 176 -1.56 -15.74 2.79
C ARG A 176 -0.14 -15.13 2.97
N VAL A 177 0.36 -14.43 1.92
CA VAL A 177 1.70 -13.82 1.93
C VAL A 177 1.83 -12.51 2.72
N GLY A 178 0.76 -11.75 2.74
CA GLY A 178 0.73 -10.40 3.29
C GLY A 178 0.60 -10.28 4.79
N THR A 179 0.16 -9.11 5.21
CA THR A 179 -0.01 -8.78 6.63
C THR A 179 -1.36 -9.31 7.06
N LYS A 180 -1.36 -10.18 8.10
CA LYS A 180 -2.59 -10.87 8.53
C LYS A 180 -3.79 -9.93 8.81
N ARG A 181 -3.54 -8.83 9.54
CA ARG A 181 -4.62 -7.88 9.89
C ARG A 181 -5.39 -7.36 8.67
N TYR A 182 -4.69 -7.14 7.52
CA TYR A 182 -5.31 -6.55 6.34
C TYR A 182 -5.77 -7.56 5.29
N MET A 183 -5.61 -8.88 5.58
CA MET A 183 -6.02 -9.91 4.61
C MET A 183 -7.51 -9.94 4.41
N ALA A 184 -7.92 -9.99 3.14
CA ALA A 184 -9.33 -10.05 2.79
C ALA A 184 -9.98 -11.34 3.32
N PRO A 185 -11.30 -11.35 3.57
CA PRO A 185 -11.93 -12.59 4.08
C PRO A 185 -11.59 -13.85 3.27
N GLU A 186 -11.57 -13.72 1.93
CA GLU A 186 -11.29 -14.85 1.02
C GLU A 186 -9.83 -15.33 1.11
N VAL A 187 -8.93 -14.43 1.56
CA VAL A 187 -7.55 -14.78 1.76
C VAL A 187 -7.43 -15.54 3.10
N LEU A 188 -8.08 -15.00 4.16
CA LEU A 188 -8.04 -15.60 5.49
C LEU A 188 -8.63 -17.02 5.49
N ASP A 189 -9.73 -17.26 4.76
CA ASP A 189 -10.33 -18.60 4.77
C ASP A 189 -9.81 -19.50 3.62
N ASP A 190 -8.83 -18.99 2.84
CA ASP A 190 -8.20 -19.69 1.70
C ASP A 190 -9.16 -20.06 0.57
N SER A 191 -10.29 -19.37 0.45
CA SER A 191 -11.23 -19.65 -0.62
C SER A 191 -10.90 -18.90 -1.91
N ILE A 192 -9.98 -17.93 -1.83
CA ILE A 192 -9.61 -17.12 -3.00
C ILE A 192 -9.12 -18.00 -4.16
N ASN A 193 -9.61 -17.72 -5.36
CA ASN A 193 -9.17 -18.46 -6.54
C ASN A 193 -7.92 -17.70 -7.03
N MET A 194 -6.76 -18.26 -6.75
CA MET A 194 -5.45 -17.64 -7.05
C MET A 194 -5.02 -17.74 -8.52
N LYS A 195 -5.84 -18.36 -9.36
CA LYS A 195 -5.60 -18.47 -10.80
C LYS A 195 -6.36 -17.31 -11.48
N HIS A 196 -7.20 -16.60 -10.71
CA HIS A 196 -8.02 -15.47 -11.16
C HIS A 196 -7.37 -14.14 -10.74
N PHE A 197 -6.72 -13.41 -11.68
CA PHE A 197 -6.05 -12.15 -11.33
C PHE A 197 -7.01 -11.13 -10.64
N GLU A 198 -8.25 -11.01 -11.11
CA GLU A 198 -9.23 -10.07 -10.54
C GLU A 198 -9.44 -10.31 -9.04
N SER A 199 -9.27 -11.56 -8.57
CA SER A 199 -9.38 -11.91 -7.15
C SER A 199 -8.33 -11.15 -6.32
N PHE A 200 -7.10 -11.00 -6.86
CA PHE A 200 -6.06 -10.22 -6.17
C PHE A 200 -6.39 -8.70 -6.13
N LYS A 201 -6.94 -8.14 -7.21
CA LYS A 201 -7.33 -6.73 -7.24
C LYS A 201 -8.39 -6.47 -6.17
N ARG A 202 -9.37 -7.39 -6.09
CA ARG A 202 -10.49 -7.29 -5.16
C ARG A 202 -9.99 -7.36 -3.70
N ALA A 203 -8.97 -8.21 -3.42
CA ALA A 203 -8.41 -8.31 -2.06
C ALA A 203 -7.70 -7.00 -1.70
N ASP A 204 -7.05 -6.33 -2.70
CA ASP A 204 -6.40 -5.03 -2.44
C ASP A 204 -7.46 -3.96 -2.03
N ILE A 205 -8.65 -3.99 -2.67
CA ILE A 205 -9.70 -3.03 -2.39
C ILE A 205 -10.15 -3.12 -0.94
N TYR A 206 -10.33 -4.36 -0.44
CA TYR A 206 -10.73 -4.57 0.94
C TYR A 206 -9.69 -3.90 1.85
N ALA A 207 -8.38 -4.17 1.59
CA ALA A 207 -7.31 -3.54 2.41
C ALA A 207 -7.33 -2.02 2.30
N MET A 208 -7.56 -1.46 1.09
CA MET A 208 -7.64 -0.02 0.96
C MET A 208 -8.81 0.56 1.80
N GLY A 209 -9.95 -0.16 1.89
CA GLY A 209 -11.05 0.28 2.74
C GLY A 209 -10.60 0.41 4.19
N LEU A 210 -9.83 -0.59 4.68
CA LEU A 210 -9.25 -0.54 6.03
C LEU A 210 -8.35 0.68 6.23
N VAL A 211 -7.50 0.97 5.22
CA VAL A 211 -6.65 2.16 5.28
C VAL A 211 -7.51 3.45 5.35
N PHE A 212 -8.60 3.53 4.56
CA PHE A 212 -9.48 4.72 4.57
C PHE A 212 -10.09 4.95 5.96
N TRP A 213 -10.41 3.86 6.65
CA TRP A 213 -10.92 3.89 8.02
C TRP A 213 -9.88 4.53 8.95
N GLU A 214 -8.61 4.13 8.81
CA GLU A 214 -7.52 4.71 9.63
C GLU A 214 -7.40 6.22 9.41
N ILE A 215 -7.52 6.65 8.17
CA ILE A 215 -7.41 8.08 7.84
C ILE A 215 -8.58 8.87 8.43
N ALA A 216 -9.81 8.39 8.20
CA ALA A 216 -11.02 9.07 8.65
C ALA A 216 -11.03 9.31 10.14
N ARG A 217 -10.54 8.35 10.95
CA ARG A 217 -10.45 8.51 12.41
C ARG A 217 -9.69 9.79 12.80
N ARG A 218 -8.70 10.15 11.99
CA ARG A 218 -7.83 11.29 12.24
C ARG A 218 -8.34 12.58 11.64
N CYS A 219 -9.49 12.56 10.96
CA CYS A 219 -10.04 13.77 10.35
C CYS A 219 -10.68 14.59 11.48
N SER A 220 -10.05 15.73 11.82
CA SER A 220 -10.48 16.58 12.93
C SER A 220 -11.38 17.70 12.44
N ILE A 221 -12.63 17.73 12.93
CA ILE A 221 -13.61 18.78 12.57
C ILE A 221 -14.04 19.44 13.90
N GLY A 222 -13.83 20.75 14.00
CA GLY A 222 -14.13 21.49 15.23
C GLY A 222 -13.39 20.94 16.43
N GLY A 223 -12.16 20.47 16.20
CA GLY A 223 -11.28 19.86 17.20
C GLY A 223 -11.68 18.45 17.64
N ILE A 224 -12.71 17.86 17.01
CA ILE A 224 -13.19 16.51 17.36
C ILE A 224 -12.61 15.48 16.38
N HIS A 225 -12.02 14.41 16.92
CA HIS A 225 -11.46 13.29 16.13
C HIS A 225 -11.28 12.07 17.05
N GLU A 226 -10.97 10.90 16.44
CA GLU A 226 -10.70 9.67 17.21
C GLU A 226 -9.19 9.51 17.33
N ASP A 227 -8.72 8.74 18.32
CA ASP A 227 -7.28 8.49 18.43
C ASP A 227 -6.85 7.50 17.35
N TYR A 228 -5.56 7.49 17.01
CA TYR A 228 -5.08 6.58 15.99
C TYR A 228 -5.27 5.14 16.47
N GLN A 229 -5.78 4.27 15.58
CA GLN A 229 -5.82 2.84 15.82
C GLN A 229 -5.66 2.11 14.51
N LEU A 230 -5.10 0.91 14.59
CA LEU A 230 -5.05 0.02 13.43
C LEU A 230 -6.46 -0.61 13.30
N PRO A 231 -6.84 -1.06 12.09
CA PRO A 231 -8.16 -1.74 11.98
C PRO A 231 -8.18 -3.01 12.81
N TYR A 232 -9.30 -3.25 13.51
CA TYR A 232 -9.53 -4.41 14.38
C TYR A 232 -8.79 -4.32 15.71
N TYR A 233 -8.29 -3.11 16.09
CA TYR A 233 -7.60 -2.91 17.37
C TYR A 233 -8.44 -3.39 18.54
N ASP A 234 -9.77 -3.29 18.38
CA ASP A 234 -10.80 -3.59 19.39
C ASP A 234 -11.17 -5.08 19.46
N LEU A 235 -10.64 -5.88 18.54
CA LEU A 235 -11.07 -7.27 18.38
C LEU A 235 -9.99 -8.34 18.33
N VAL A 236 -8.76 -7.95 18.01
CA VAL A 236 -7.71 -8.97 17.87
C VAL A 236 -6.44 -8.53 18.60
N PRO A 237 -5.53 -9.49 18.94
CA PRO A 237 -4.23 -9.09 19.54
C PRO A 237 -3.39 -8.21 18.60
N SER A 238 -2.31 -7.57 19.13
CA SER A 238 -1.43 -6.69 18.32
C SER A 238 -0.77 -7.35 17.11
N ASP A 239 -0.36 -8.61 17.23
CA ASP A 239 0.25 -9.35 16.11
C ASP A 239 -0.67 -10.57 15.90
N PRO A 240 -1.82 -10.37 15.21
CA PRO A 240 -2.81 -11.46 15.14
C PRO A 240 -2.43 -12.59 14.22
N SER A 241 -2.90 -13.81 14.56
CA SER A 241 -2.73 -14.99 13.71
C SER A 241 -3.82 -14.97 12.65
N VAL A 242 -3.68 -15.79 11.59
CA VAL A 242 -4.68 -15.95 10.54
C VAL A 242 -5.96 -16.44 11.23
N GLU A 243 -5.84 -17.37 12.20
CA GLU A 243 -7.04 -17.91 12.87
C GLU A 243 -7.78 -16.86 13.67
N GLU A 244 -7.06 -15.98 14.40
CA GLU A 244 -7.73 -14.89 15.15
C GLU A 244 -8.45 -13.94 14.18
N MET A 245 -7.79 -13.60 13.07
CA MET A 245 -8.41 -12.72 12.09
C MET A 245 -9.64 -13.39 11.44
N ARG A 246 -9.51 -14.67 11.08
CA ARG A 246 -10.56 -15.40 10.37
C ARG A 246 -11.85 -15.48 11.24
N LYS A 247 -11.69 -15.74 12.54
CA LYS A 247 -12.82 -15.83 13.47
C LYS A 247 -13.61 -14.50 13.51
N VAL A 248 -12.88 -13.38 13.48
CA VAL A 248 -13.50 -12.06 13.50
C VAL A 248 -14.10 -11.67 12.14
N VAL A 249 -13.28 -11.74 11.09
CA VAL A 249 -13.62 -11.26 9.76
C VAL A 249 -14.56 -12.20 8.98
N CYS A 250 -14.28 -13.50 8.99
CA CYS A 250 -15.09 -14.48 8.24
C CYS A 250 -16.26 -15.06 9.02
N GLU A 251 -16.05 -15.42 10.29
CA GLU A 251 -17.12 -16.08 11.07
C GLU A 251 -18.07 -15.09 11.73
N GLN A 252 -17.56 -14.19 12.56
CA GLN A 252 -18.43 -13.20 13.19
C GLN A 252 -18.86 -12.12 12.18
N LYS A 253 -18.07 -11.95 11.08
CA LYS A 253 -18.34 -10.99 9.99
C LYS A 253 -18.31 -9.51 10.45
N LEU A 254 -17.42 -9.20 11.39
CA LEU A 254 -17.26 -7.84 11.88
C LEU A 254 -16.29 -7.08 10.98
N ARG A 255 -16.41 -5.78 10.97
CA ARG A 255 -15.56 -4.87 10.22
C ARG A 255 -15.24 -3.73 11.21
N PRO A 256 -14.29 -2.85 10.89
CA PRO A 256 -14.03 -1.73 11.79
C PRO A 256 -15.29 -0.89 12.01
N ASN A 257 -15.48 -0.40 13.23
CA ASN A 257 -16.66 0.39 13.58
C ASN A 257 -16.67 1.76 12.91
N ILE A 258 -17.83 2.12 12.35
CA ILE A 258 -18.03 3.43 11.74
C ILE A 258 -18.67 4.38 12.79
N PRO A 259 -17.90 5.33 13.36
CA PRO A 259 -18.46 6.23 14.40
C PRO A 259 -19.67 7.03 13.93
N ASN A 260 -20.62 7.31 14.84
CA ASN A 260 -21.80 8.10 14.50
C ASN A 260 -21.41 9.50 14.02
N ARG A 261 -20.33 10.08 14.56
CA ARG A 261 -19.91 11.43 14.17
C ARG A 261 -19.52 11.53 12.68
N TRP A 262 -19.26 10.39 11.99
CA TRP A 262 -18.94 10.42 10.55
C TRP A 262 -20.19 10.60 9.67
N GLN A 263 -21.38 10.60 10.29
CA GLN A 263 -22.63 10.80 9.55
C GLN A 263 -22.96 12.29 9.46
N SER A 264 -22.29 13.11 10.30
CA SER A 264 -22.50 14.56 10.43
C SER A 264 -21.73 15.46 9.43
N CYS A 265 -21.02 14.86 8.46
CA CYS A 265 -20.18 15.58 7.51
C CYS A 265 -20.24 14.86 6.15
N GLU A 266 -20.50 15.60 5.04
CA GLU A 266 -20.61 14.99 3.70
C GLU A 266 -19.36 14.18 3.28
N ALA A 267 -18.16 14.74 3.50
CA ALA A 267 -16.88 14.07 3.16
C ALA A 267 -16.73 12.77 3.96
N LEU A 268 -17.07 12.81 5.27
CA LEU A 268 -17.02 11.60 6.11
C LEU A 268 -18.12 10.58 5.75
N ARG A 269 -19.30 11.07 5.26
CA ARG A 269 -20.37 10.16 4.83
C ARG A 269 -19.94 9.43 3.55
N VAL A 270 -19.31 10.16 2.61
CA VAL A 270 -18.81 9.60 1.34
C VAL A 270 -17.71 8.56 1.64
N MET A 271 -16.78 8.88 2.56
CA MET A 271 -15.70 7.97 2.98
C MET A 271 -16.26 6.69 3.63
N ALA A 272 -17.21 6.85 4.56
CA ALA A 272 -17.82 5.69 5.24
C ALA A 272 -18.56 4.78 4.26
N LYS A 273 -19.22 5.35 3.23
CA LYS A 273 -19.92 4.56 2.22
C LYS A 273 -18.89 3.78 1.38
N ILE A 274 -17.78 4.42 1.01
CA ILE A 274 -16.70 3.75 0.30
C ILE A 274 -16.19 2.55 1.11
N MET A 275 -15.91 2.76 2.39
CA MET A 275 -15.45 1.70 3.30
C MET A 275 -16.35 0.49 3.29
N ARG A 276 -17.67 0.71 3.51
CA ARG A 276 -18.67 -0.37 3.52
C ARG A 276 -18.62 -1.18 2.21
N GLU A 277 -18.51 -0.47 1.10
CA GLU A 277 -18.48 -1.01 -0.27
C GLU A 277 -17.11 -1.64 -0.69
N CYS A 278 -16.08 -1.53 0.18
CA CYS A 278 -14.79 -2.26 0.07
C CYS A 278 -14.81 -3.52 0.94
N TRP A 279 -15.72 -3.56 1.92
CA TRP A 279 -15.72 -4.57 2.96
C TRP A 279 -16.63 -5.78 2.80
N TYR A 280 -17.37 -5.91 1.68
CA TYR A 280 -18.18 -7.10 1.43
C TYR A 280 -17.33 -8.35 1.49
N ALA A 281 -17.86 -9.44 2.05
CA ALA A 281 -17.13 -10.72 2.12
C ALA A 281 -16.80 -11.25 0.73
N ASN A 282 -17.71 -11.01 -0.23
CA ASN A 282 -17.53 -11.46 -1.60
C ASN A 282 -16.84 -10.33 -2.38
N GLY A 283 -15.64 -10.63 -2.84
CA GLY A 283 -14.83 -9.68 -3.60
C GLY A 283 -15.50 -9.13 -4.85
N ALA A 284 -16.31 -9.97 -5.53
CA ALA A 284 -17.01 -9.52 -6.73
C ALA A 284 -17.97 -8.35 -6.47
N ALA A 285 -18.45 -8.20 -5.24
CA ALA A 285 -19.35 -7.11 -4.87
C ALA A 285 -18.64 -5.78 -4.54
N ARG A 286 -17.29 -5.81 -4.36
CA ARG A 286 -16.55 -4.60 -3.99
C ARG A 286 -16.43 -3.55 -5.09
N LEU A 287 -16.24 -2.27 -4.70
CA LEU A 287 -15.97 -1.19 -5.67
C LEU A 287 -14.60 -1.44 -6.33
N THR A 288 -14.37 -0.86 -7.52
CA THR A 288 -13.04 -0.96 -8.15
C THR A 288 -12.24 0.26 -7.70
N ALA A 289 -10.91 0.22 -7.86
CA ALA A 289 -10.08 1.37 -7.50
C ALA A 289 -10.44 2.57 -8.40
N LEU A 290 -10.75 2.31 -9.68
CA LEU A 290 -11.12 3.37 -10.61
C LEU A 290 -12.41 4.08 -10.17
N ARG A 291 -13.42 3.32 -9.69
CA ARG A 291 -14.67 3.92 -9.22
C ARG A 291 -14.45 4.74 -7.97
N ILE A 292 -13.57 4.25 -7.06
CA ILE A 292 -13.27 4.99 -5.83
C ILE A 292 -12.59 6.31 -6.17
N LYS A 293 -11.63 6.26 -7.13
CA LYS A 293 -10.92 7.45 -7.60
C LYS A 293 -11.95 8.45 -8.17
N LYS A 294 -12.88 7.97 -9.02
CA LYS A 294 -13.90 8.87 -9.61
C LYS A 294 -14.74 9.54 -8.51
N THR A 295 -15.20 8.76 -7.53
CA THR A 295 -15.98 9.27 -6.40
C THR A 295 -15.23 10.31 -5.58
N LEU A 296 -13.97 10.04 -5.19
CA LEU A 296 -13.16 10.98 -4.41
C LEU A 296 -12.74 12.21 -5.21
N SER A 297 -12.58 12.07 -6.54
CA SER A 297 -12.24 13.20 -7.42
C SER A 297 -13.42 14.18 -7.43
N GLN A 298 -14.66 13.65 -7.56
CA GLN A 298 -15.90 14.44 -7.53
C GLN A 298 -16.03 15.14 -6.17
N LEU A 299 -15.72 14.42 -5.05
CA LEU A 299 -15.76 15.00 -3.70
C LEU A 299 -14.71 16.09 -3.50
N SER A 300 -13.48 15.93 -4.03
CA SER A 300 -12.44 16.97 -3.88
C SER A 300 -12.84 18.25 -4.64
N GLN A 301 -13.45 18.08 -5.84
CA GLN A 301 -13.93 19.15 -6.70
C GLN A 301 -14.97 19.98 -5.91
N GLN A 302 -15.94 19.28 -5.27
CA GLN A 302 -16.97 19.90 -4.41
C GLN A 302 -16.35 20.67 -3.24
N GLU A 303 -15.52 20.00 -2.40
CA GLU A 303 -14.84 20.60 -1.26
C GLU A 303 -13.73 21.56 -1.72
C1 GOL B . 34.67 -10.26 -2.54
O1 GOL B . 35.20 -9.00 -2.93
C2 GOL B . 34.51 -10.30 -1.04
O2 GOL B . 33.35 -9.56 -0.64
C3 GOL B . 34.38 -11.74 -0.59
O3 GOL B . 34.68 -11.88 0.79
C1 GOL C . 11.36 6.99 2.62
O1 GOL C . 10.91 6.64 1.31
C2 GOL C . 10.61 6.19 3.67
O2 GOL C . 10.79 4.79 3.44
C3 GOL C . 11.05 6.51 5.09
O3 GOL C . 10.91 7.89 5.38
C1 GOL D . -19.59 -8.24 6.71
O1 GOL D . -20.12 -7.47 7.77
C2 GOL D . -20.45 -8.07 5.49
O2 GOL D . -20.24 -6.78 4.92
C3 GOL D . -19.98 -9.14 4.53
O3 GOL D . -20.43 -8.88 3.22
#